data_7T0P
#
_entry.id   7T0P
#
_cell.length_a   47.430
_cell.length_b   57.620
_cell.length_c   59.670
_cell.angle_alpha   88.240
_cell.angle_beta   111.680
_cell.angle_gamma   92.480
#
_symmetry.space_group_name_H-M   'P 1'
#
loop_
_entity.id
_entity.type
_entity.pdbx_description
1 polymer 'Tyrosine-protein kinase JAK2'
2 non-polymer "4'-{[5-amino-3-(4-sulfamoylanilino)-1H-1,2,4-triazole-1-carbonyl]amino}-4-(benzyloxy)[1,1'-biphenyl]-3-carboxylic acid"
3 non-polymer GLYCEROL
4 water water
#
_entity_poly.entity_id   1
_entity_poly.type   'polypeptide(L)'
_entity_poly.pdbx_seq_one_letter_code
;VFHKIRNEDLIFNESLGQGTFTKIFKGVRREVGDYGQLHETEVLLKVLDKAHRNYSESFFEAASMMSKLSHKHLVLNYGV
CVCGDENILVQEFVKFGSLDTYLKKNKNCINILWKLEVAKQLAAAMHFLEENTLIHGNVCAKNILLIREEDRKTGNPPFI
KLSDPGISITVLPKDILQERIPWVPPECIENPKNLNLATDKWSFGTTLWEICSGGDKPLSALDSQRKLQFYEDRHQLPAP
KAAELANLINNCMDYEPDHRPSFRAIIRDLNSLFTPDLVPRGSHHHHHH
;
_entity_poly.pdbx_strand_id   A,B
#
# COMPACT_ATOMS: atom_id res chain seq x y z
N VAL A 1 -0.26 -20.09 0.38
CA VAL A 1 1.05 -20.75 0.36
C VAL A 1 1.90 -20.17 -0.76
N PHE A 2 3.21 -20.42 -0.71
CA PHE A 2 4.11 -19.88 -1.71
C PHE A 2 3.91 -20.58 -3.04
N HIS A 3 3.94 -19.81 -4.12
CA HIS A 3 3.99 -20.38 -5.47
C HIS A 3 5.23 -21.26 -5.61
N LYS A 4 5.07 -22.40 -6.29
CA LYS A 4 6.17 -23.34 -6.46
C LYS A 4 6.95 -23.03 -7.74
N ILE A 5 8.27 -23.09 -7.66
CA ILE A 5 9.16 -22.75 -8.76
C ILE A 5 10.04 -23.97 -9.04
N ARG A 6 10.11 -24.37 -10.32
CA ARG A 6 10.82 -25.58 -10.72
C ARG A 6 12.31 -25.37 -10.75
N ASN A 7 13.05 -26.41 -10.37
CA ASN A 7 14.50 -26.30 -10.40
C ASN A 7 15.03 -25.98 -11.79
N GLU A 8 14.34 -26.46 -12.84
CA GLU A 8 14.84 -26.24 -14.20
C GLU A 8 14.75 -24.79 -14.62
N ASP A 9 14.00 -23.96 -13.88
CA ASP A 9 13.90 -22.53 -14.19
C ASP A 9 14.81 -21.68 -13.33
N LEU A 10 15.66 -22.29 -12.52
CA LEU A 10 16.60 -21.58 -11.66
C LEU A 10 18.03 -21.91 -12.07
N ILE A 11 18.87 -20.88 -12.15
CA ILE A 11 20.30 -21.04 -12.36
C ILE A 11 21.01 -20.46 -11.14
N PHE A 12 21.81 -21.28 -10.48
CA PHE A 12 22.57 -20.82 -9.33
C PHE A 12 23.87 -20.19 -9.78
N ASN A 13 24.15 -18.99 -9.29
CA ASN A 13 25.49 -18.43 -9.50
C ASN A 13 26.19 -18.21 -8.16
N GLU A 14 26.83 -17.06 -7.99
CA GLU A 14 27.85 -16.95 -6.97
C GLU A 14 27.25 -16.99 -5.57
N SER A 15 28.00 -17.57 -4.64
CA SER A 15 27.63 -17.56 -3.24
C SER A 15 27.76 -16.16 -2.70
N LEU A 16 26.73 -15.69 -2.01
CA LEU A 16 26.74 -14.36 -1.38
C LEU A 16 26.86 -14.46 0.14
N GLY A 17 27.44 -15.54 0.64
CA GLY A 17 27.68 -15.71 2.04
C GLY A 17 26.92 -16.89 2.62
N GLN A 18 27.05 -17.04 3.94
CA GLN A 18 26.43 -18.11 4.69
C GLN A 18 25.72 -17.53 5.90
N GLY A 19 24.60 -18.14 6.27
CA GLY A 19 23.91 -17.85 7.49
C GLY A 19 23.93 -19.07 8.39
N THR A 20 23.31 -18.92 9.56
CA THR A 20 23.13 -20.07 10.45
C THR A 20 22.11 -20.99 9.81
N PHE A 21 22.59 -22.13 9.31
CA PHE A 21 21.78 -23.20 8.71
C PHE A 21 21.12 -22.79 7.39
N THR A 22 21.62 -21.73 6.76
CA THR A 22 21.14 -21.29 5.46
C THR A 22 22.34 -20.95 4.59
N LYS A 23 22.24 -21.26 3.31
CA LYS A 23 23.21 -20.81 2.32
C LYS A 23 22.57 -19.76 1.43
N ILE A 24 23.37 -18.81 0.95
CA ILE A 24 22.88 -17.69 0.17
C ILE A 24 23.62 -17.62 -1.17
N PHE A 25 22.87 -17.49 -2.26
CA PHE A 25 23.39 -17.46 -3.62
C PHE A 25 22.65 -16.43 -4.45
N LYS A 26 23.39 -15.70 -5.28
CA LYS A 26 22.76 -15.00 -6.38
C LYS A 26 22.40 -16.00 -7.48
N GLY A 27 21.28 -15.77 -8.15
CA GLY A 27 20.85 -16.68 -9.19
C GLY A 27 20.05 -15.99 -10.27
N VAL A 28 19.53 -16.79 -11.20
CA VAL A 28 18.66 -16.32 -12.26
C VAL A 28 17.44 -17.23 -12.32
N ARG A 29 16.25 -16.62 -12.46
CA ARG A 29 15.00 -17.34 -12.67
C ARG A 29 14.46 -17.03 -14.06
N ARG A 30 14.15 -18.08 -14.82
CA ARG A 30 13.41 -17.96 -16.07
C ARG A 30 11.92 -18.03 -15.77
N GLU A 31 11.15 -17.12 -16.37
CA GLU A 31 9.74 -17.03 -16.01
C GLU A 31 8.98 -16.38 -17.15
N VAL A 32 7.71 -16.69 -17.24
CA VAL A 32 6.80 -15.93 -18.08
C VAL A 32 6.24 -14.80 -17.23
N GLY A 33 6.45 -13.57 -17.66
CA GLY A 33 5.98 -12.40 -16.95
C GLY A 33 4.70 -11.86 -17.55
N ASP A 34 4.45 -10.58 -17.28
CA ASP A 34 3.25 -9.91 -17.77
C ASP A 34 3.22 -9.92 -19.30
N TYR A 35 2.00 -9.95 -19.85
CA TYR A 35 1.75 -10.04 -21.28
C TYR A 35 2.42 -11.24 -21.92
N GLY A 36 2.75 -12.28 -21.15
CA GLY A 36 3.40 -13.45 -21.69
C GLY A 36 4.83 -13.29 -22.12
N GLN A 37 5.50 -12.19 -21.78
CA GLN A 37 6.90 -12.02 -22.14
C GLN A 37 7.78 -12.93 -21.29
N LEU A 38 8.72 -13.63 -21.93
CA LEU A 38 9.72 -14.41 -21.23
C LEU A 38 10.77 -13.50 -20.61
N HIS A 39 11.09 -13.73 -19.33
CA HIS A 39 12.11 -12.97 -18.61
C HIS A 39 13.18 -13.89 -18.03
N GLU A 40 14.37 -13.32 -17.87
CA GLU A 40 15.41 -13.92 -17.05
C GLU A 40 15.70 -12.93 -15.93
N THR A 41 15.28 -13.25 -14.71
CA THR A 41 15.26 -12.29 -13.62
C THR A 41 16.32 -12.66 -12.59
N GLU A 42 17.15 -11.67 -12.22
CA GLU A 42 18.06 -11.87 -11.10
C GLU A 42 17.26 -12.13 -9.84
N VAL A 43 17.68 -13.14 -9.07
CA VAL A 43 16.99 -13.53 -7.84
C VAL A 43 18.02 -13.79 -6.76
N LEU A 44 17.58 -13.63 -5.50
CA LEU A 44 18.35 -14.03 -4.34
C LEU A 44 17.82 -15.38 -3.87
N LEU A 45 18.72 -16.36 -3.69
CA LEU A 45 18.34 -17.72 -3.31
C LEU A 45 18.83 -18.02 -1.91
N LYS A 46 17.89 -18.29 -1.01
CA LYS A 46 18.19 -18.69 0.37
C LYS A 46 17.84 -20.17 0.52
N VAL A 47 18.81 -20.96 0.98
CA VAL A 47 18.81 -22.40 0.81
C VAL A 47 18.92 -23.05 2.19
N LEU A 48 17.97 -23.95 2.49
CA LEU A 48 18.03 -24.76 3.69
C LEU A 48 18.00 -26.23 3.33
N ASP A 49 18.72 -27.01 4.13
CA ASP A 49 18.77 -28.46 3.96
C ASP A 49 17.45 -29.08 4.42
N LYS A 50 16.85 -29.92 3.58
CA LYS A 50 15.59 -30.57 3.97
C LYS A 50 15.77 -31.46 5.20
N ALA A 51 16.99 -31.88 5.53
CA ALA A 51 17.20 -32.69 6.72
C ALA A 51 17.01 -31.87 8.00
N HIS A 52 17.15 -30.55 7.94
CA HIS A 52 16.91 -29.70 9.09
C HIS A 52 15.43 -29.30 9.11
N ARG A 53 14.59 -30.27 9.48
CA ARG A 53 13.15 -30.10 9.28
C ARG A 53 12.58 -29.00 10.16
N ASN A 54 12.97 -28.96 11.45
CA ASN A 54 12.41 -27.92 12.32
C ASN A 54 12.93 -26.54 11.94
N TYR A 55 14.18 -26.43 11.49
CA TYR A 55 14.70 -25.15 11.02
C TYR A 55 13.97 -24.69 9.76
N SER A 56 13.79 -25.60 8.79
CA SER A 56 13.10 -25.26 7.54
C SER A 56 11.66 -24.84 7.79
N GLU A 57 10.95 -25.56 8.65
CA GLU A 57 9.58 -25.18 8.96
C GLU A 57 9.52 -23.78 9.54
N SER A 58 10.36 -23.50 10.54
CA SER A 58 10.36 -22.17 11.17
C SER A 58 10.70 -21.08 10.16
N PHE A 59 11.76 -21.28 9.38
CA PHE A 59 12.17 -20.33 8.35
C PHE A 59 11.05 -20.04 7.35
N PHE A 60 10.44 -21.09 6.78
CA PHE A 60 9.47 -20.85 5.70
C PHE A 60 8.09 -20.43 6.22
N GLU A 61 7.68 -20.90 7.39
CA GLU A 61 6.48 -20.33 7.99
C GLU A 61 6.66 -18.84 8.29
N ALA A 62 7.84 -18.44 8.76
CA ALA A 62 8.08 -17.03 9.01
C ALA A 62 8.08 -16.24 7.72
N ALA A 63 8.74 -16.76 6.67
CA ALA A 63 8.73 -16.07 5.39
C ALA A 63 7.31 -15.95 4.86
N SER A 64 6.52 -17.01 4.98
CA SER A 64 5.15 -16.99 4.48
C SER A 64 4.31 -15.95 5.21
N MET A 65 4.39 -15.91 6.54
CA MET A 65 3.57 -14.98 7.32
C MET A 65 3.86 -13.53 6.97
N MET A 66 5.14 -13.17 6.85
CA MET A 66 5.43 -11.79 6.48
C MET A 66 5.03 -11.50 5.04
N SER A 67 5.20 -12.47 4.13
CA SER A 67 4.84 -12.21 2.73
C SER A 67 3.34 -12.04 2.53
N LYS A 68 2.50 -12.54 3.45
CA LYS A 68 1.07 -12.27 3.40
C LYS A 68 0.74 -10.79 3.62
N LEU A 69 1.69 -9.97 4.06
CA LEU A 69 1.52 -8.55 4.33
C LEU A 69 2.38 -7.75 3.35
N SER A 70 1.88 -7.54 2.14
CA SER A 70 2.61 -6.76 1.16
C SER A 70 2.80 -5.33 1.69
N HIS A 71 3.98 -4.76 1.44
CA HIS A 71 4.30 -3.41 1.92
C HIS A 71 5.58 -2.93 1.24
N LYS A 72 5.67 -1.62 1.01
CA LYS A 72 6.81 -1.13 0.24
C LYS A 72 8.15 -1.37 0.93
N HIS A 73 8.17 -1.52 2.25
CA HIS A 73 9.41 -1.67 3.02
C HIS A 73 9.68 -3.11 3.45
N LEU A 74 8.97 -4.10 2.90
CA LEU A 74 9.16 -5.50 3.24
C LEU A 74 9.54 -6.28 1.99
N VAL A 75 10.58 -7.12 2.11
CA VAL A 75 11.17 -7.79 0.96
C VAL A 75 10.13 -8.63 0.21
N LEU A 76 10.29 -8.72 -1.11
CA LEU A 76 9.39 -9.49 -1.93
C LEU A 76 9.95 -10.90 -2.14
N ASN A 77 9.14 -11.91 -1.87
CA ASN A 77 9.48 -13.30 -2.10
C ASN A 77 8.69 -13.81 -3.30
N TYR A 78 9.39 -14.35 -4.30
CA TYR A 78 8.72 -14.84 -5.51
C TYR A 78 8.03 -16.17 -5.25
N GLY A 79 8.62 -17.03 -4.42
CA GLY A 79 8.12 -18.37 -4.22
C GLY A 79 9.21 -19.25 -3.62
N VAL A 80 8.96 -20.55 -3.69
CA VAL A 80 9.86 -21.55 -3.12
C VAL A 80 10.15 -22.62 -4.17
N CYS A 81 11.38 -23.16 -4.14
CA CYS A 81 11.78 -24.31 -4.95
C CYS A 81 12.07 -25.49 -4.03
N VAL A 82 11.43 -26.63 -4.31
CA VAL A 82 11.50 -27.78 -3.42
C VAL A 82 11.84 -29.04 -4.22
N CYS A 83 12.43 -28.87 -5.40
CA CYS A 83 12.52 -30.00 -6.34
C CYS A 83 13.53 -31.06 -5.90
N GLY A 84 14.61 -30.66 -5.25
CA GLY A 84 15.62 -31.62 -4.85
C GLY A 84 15.67 -31.85 -3.36
N ASP A 85 16.87 -31.82 -2.81
CA ASP A 85 17.14 -32.10 -1.42
C ASP A 85 17.17 -30.86 -0.55
N GLU A 86 16.79 -29.71 -1.11
CA GLU A 86 16.90 -28.42 -0.44
C GLU A 86 15.58 -27.67 -0.58
N ASN A 87 15.22 -26.94 0.48
CA ASN A 87 14.12 -25.97 0.43
C ASN A 87 14.71 -24.61 0.13
N ILE A 88 14.28 -23.99 -0.97
CA ILE A 88 14.87 -22.75 -1.45
C ILE A 88 13.83 -21.65 -1.46
N LEU A 89 14.12 -20.53 -0.78
CA LEU A 89 13.34 -19.29 -0.88
C LEU A 89 13.86 -18.49 -2.08
N VAL A 90 12.98 -18.15 -3.01
CA VAL A 90 13.35 -17.42 -4.22
C VAL A 90 12.92 -15.96 -4.02
N GLN A 91 13.90 -15.07 -3.86
CA GLN A 91 13.65 -13.74 -3.33
C GLN A 91 14.17 -12.69 -4.31
N GLU A 92 13.60 -11.50 -4.23
CA GLU A 92 14.06 -10.39 -5.05
C GLU A 92 15.52 -10.12 -4.78
N PHE A 93 16.27 -9.86 -5.84
CA PHE A 93 17.68 -9.53 -5.70
C PHE A 93 17.80 -8.02 -5.54
N VAL A 94 18.32 -7.60 -4.39
CA VAL A 94 18.48 -6.19 -4.07
C VAL A 94 19.86 -5.74 -4.53
N LYS A 95 19.92 -4.63 -5.27
CA LYS A 95 21.16 -4.25 -5.94
C LYS A 95 22.32 -4.08 -4.96
N PHE A 96 22.09 -3.46 -3.81
CA PHE A 96 23.21 -3.09 -2.94
C PHE A 96 23.35 -3.97 -1.71
N GLY A 97 22.53 -5.01 -1.56
CA GLY A 97 22.75 -5.98 -0.52
C GLY A 97 22.39 -5.50 0.89
N SER A 98 23.02 -6.16 1.87
CA SER A 98 22.75 -5.97 3.29
C SER A 98 23.40 -4.70 3.80
N LEU A 99 22.73 -4.04 4.74
CA LEU A 99 23.16 -2.72 5.17
C LEU A 99 24.44 -2.77 6.02
N ASP A 100 24.62 -3.81 6.82
CA ASP A 100 25.82 -3.87 7.66
C ASP A 100 27.10 -3.78 6.83
N THR A 101 27.23 -4.57 5.75
CA THR A 101 28.47 -4.46 4.98
C THR A 101 28.50 -3.19 4.15
N TYR A 102 27.33 -2.67 3.75
CA TYR A 102 27.31 -1.41 3.03
C TYR A 102 27.82 -0.27 3.90
N LEU A 103 27.45 -0.27 5.18
CA LEU A 103 27.92 0.74 6.12
C LEU A 103 29.43 0.63 6.32
N LYS A 104 29.96 -0.59 6.46
CA LYS A 104 31.39 -0.74 6.64
C LYS A 104 32.16 -0.21 5.43
N LYS A 105 31.64 -0.42 4.22
CA LYS A 105 32.30 0.01 2.99
C LYS A 105 32.15 1.49 2.69
N ASN A 106 31.23 2.18 3.35
CA ASN A 106 30.94 3.57 3.01
C ASN A 106 30.88 4.46 4.24
N LYS A 107 31.44 4.02 5.36
CA LYS A 107 31.30 4.78 6.61
C LYS A 107 31.78 6.22 6.46
N ASN A 108 32.89 6.42 5.74
CA ASN A 108 33.47 7.75 5.64
C ASN A 108 32.53 8.73 4.96
N CYS A 109 31.70 8.26 4.03
CA CYS A 109 30.84 9.14 3.24
C CYS A 109 29.35 8.89 3.50
N ILE A 110 28.98 8.74 4.77
CA ILE A 110 27.59 8.62 5.17
C ILE A 110 27.38 9.56 6.36
N ASN A 111 26.54 10.57 6.19
CA ASN A 111 26.35 11.54 7.24
C ASN A 111 25.07 11.27 8.02
N ILE A 112 24.75 12.17 8.96
CA ILE A 112 23.68 11.89 9.91
C ILE A 112 22.31 11.87 9.23
N LEU A 113 22.11 12.70 8.20
CA LEU A 113 20.82 12.73 7.53
C LEU A 113 20.55 11.44 6.74
N TRP A 114 21.59 10.83 6.18
CA TRP A 114 21.41 9.52 5.56
C TRP A 114 20.99 8.49 6.59
N LYS A 115 21.58 8.54 7.80
CA LYS A 115 21.25 7.59 8.85
C LYS A 115 19.86 7.84 9.43
N LEU A 116 19.50 9.12 9.60
CA LEU A 116 18.16 9.47 10.06
C LEU A 116 17.11 8.93 9.10
N GLU A 117 17.31 9.14 7.81
CA GLU A 117 16.33 8.72 6.82
C GLU A 117 16.17 7.21 6.80
N VAL A 118 17.28 6.48 6.93
CA VAL A 118 17.20 5.02 7.01
C VAL A 118 16.48 4.59 8.29
N ALA A 119 16.76 5.27 9.41
CA ALA A 119 16.09 4.90 10.66
C ALA A 119 14.58 5.09 10.54
N LYS A 120 14.14 6.20 9.94
CA LYS A 120 12.71 6.47 9.78
C LYS A 120 12.03 5.40 8.93
N GLN A 121 12.69 4.95 7.86
CA GLN A 121 12.07 3.93 7.03
C GLN A 121 11.95 2.61 7.78
N LEU A 122 13.02 2.20 8.47
CA LEU A 122 12.96 0.98 9.26
C LEU A 122 11.89 1.07 10.34
N ALA A 123 11.82 2.19 11.06
CA ALA A 123 10.74 2.35 12.04
C ALA A 123 9.37 2.26 11.37
N ALA A 124 9.24 2.78 10.15
CA ALA A 124 7.96 2.69 9.44
C ALA A 124 7.61 1.25 9.12
N ALA A 125 8.61 0.45 8.75
CA ALA A 125 8.36 -0.97 8.50
C ALA A 125 7.95 -1.68 9.80
N MET A 126 8.58 -1.35 10.93
CA MET A 126 8.24 -1.99 12.20
C MET A 126 6.89 -1.51 12.74
N HIS A 127 6.52 -0.27 12.48
CA HIS A 127 5.19 0.20 12.90
C HIS A 127 4.11 -0.58 12.16
N PHE A 128 4.31 -0.81 10.85
CA PHE A 128 3.39 -1.62 10.07
C PHE A 128 3.28 -3.02 10.63
N LEU A 129 4.43 -3.62 11.01
CA LEU A 129 4.38 -4.94 11.64
C LEU A 129 3.68 -4.88 12.99
N GLU A 130 3.99 -3.87 13.81
CA GLU A 130 3.35 -3.75 15.10
C GLU A 130 1.84 -3.63 14.96
N GLU A 131 1.38 -2.78 14.04
CA GLU A 131 -0.06 -2.65 13.79
C GLU A 131 -0.70 -3.97 13.35
N ASN A 132 0.07 -4.86 12.74
CA ASN A 132 -0.42 -6.17 12.36
C ASN A 132 -0.07 -7.24 13.39
N THR A 133 0.45 -6.85 14.55
CA THR A 133 0.87 -7.77 15.61
C THR A 133 1.66 -8.95 15.04
N LEU A 134 2.62 -8.65 14.17
CA LEU A 134 3.50 -9.66 13.61
C LEU A 134 4.92 -9.42 14.12
N ILE A 135 5.50 -10.42 14.78
CA ILE A 135 6.86 -10.37 15.28
C ILE A 135 7.83 -10.73 14.16
N HIS A 136 8.83 -9.87 13.96
CA HIS A 136 9.92 -10.25 13.06
C HIS A 136 10.89 -11.20 13.76
N GLY A 137 11.51 -10.74 14.87
CA GLY A 137 12.32 -11.59 15.73
C GLY A 137 13.79 -11.63 15.41
N ASN A 138 14.24 -11.03 14.32
CA ASN A 138 15.67 -11.05 13.97
C ASN A 138 16.07 -9.74 13.30
N VAL A 139 15.57 -8.63 13.84
CA VAL A 139 15.95 -7.32 13.30
C VAL A 139 17.42 -7.07 13.57
N CYS A 140 18.17 -6.76 12.52
CA CYS A 140 19.57 -6.38 12.57
C CYS A 140 19.89 -5.69 11.25
N ALA A 141 21.05 -5.04 11.21
CA ALA A 141 21.46 -4.30 10.03
C ALA A 141 21.66 -5.22 8.84
N LYS A 142 22.10 -6.46 9.10
CA LYS A 142 22.24 -7.44 8.01
C LYS A 142 20.88 -7.78 7.41
N ASN A 143 19.80 -7.61 8.16
CA ASN A 143 18.46 -7.84 7.64
C ASN A 143 17.79 -6.58 7.11
N ILE A 144 18.56 -5.52 6.89
CA ILE A 144 18.10 -4.37 6.10
C ILE A 144 18.71 -4.49 4.71
N LEU A 145 17.87 -4.39 3.68
CA LEU A 145 18.32 -4.45 2.29
C LEU A 145 18.20 -3.07 1.67
N LEU A 146 19.27 -2.63 1.00
CA LEU A 146 19.34 -1.30 0.39
C LEU A 146 18.94 -1.39 -1.09
N ILE A 147 17.70 -1.01 -1.39
CA ILE A 147 17.20 -1.01 -2.77
C ILE A 147 17.96 -0.02 -3.62
N ARG A 148 18.25 1.16 -3.07
CA ARG A 148 18.60 2.32 -3.87
C ARG A 148 19.48 3.22 -3.03
N GLU A 149 20.56 3.73 -3.61
CA GLU A 149 21.41 4.65 -2.87
C GLU A 149 20.86 6.07 -2.91
N GLU A 150 21.37 6.89 -2.01
CA GLU A 150 21.07 8.31 -2.05
C GLU A 150 21.59 8.91 -3.35
N ASP A 151 20.76 9.73 -3.99
CA ASP A 151 21.16 10.46 -5.19
C ASP A 151 21.72 11.80 -4.73
N ARG A 152 23.05 11.91 -4.72
CA ARG A 152 23.70 13.13 -4.28
C ARG A 152 23.12 14.35 -4.99
N LYS A 153 22.82 14.21 -6.27
CA LYS A 153 22.25 15.30 -7.05
C LYS A 153 20.81 15.60 -6.65
N THR A 154 19.86 14.86 -7.24
CA THR A 154 18.44 15.21 -7.19
C THR A 154 17.80 15.08 -5.82
N GLY A 155 18.61 15.02 -4.76
CA GLY A 155 18.07 14.95 -3.41
C GLY A 155 17.24 13.72 -3.10
N ASN A 156 17.38 12.66 -3.88
CA ASN A 156 16.61 11.45 -3.61
C ASN A 156 17.19 10.73 -2.40
N PRO A 157 16.35 10.33 -1.45
CA PRO A 157 16.87 9.61 -0.28
C PRO A 157 17.20 8.17 -0.64
N PRO A 158 17.99 7.48 0.17
CA PRO A 158 18.10 6.03 0.04
C PRO A 158 16.76 5.38 0.29
N PHE A 159 16.63 4.12 -0.10
CA PHE A 159 15.41 3.37 0.15
C PHE A 159 15.79 1.96 0.63
N ILE A 160 15.20 1.52 1.73
CA ILE A 160 15.52 0.22 2.32
C ILE A 160 14.26 -0.65 2.43
N LYS A 161 14.50 -1.94 2.60
CA LYS A 161 13.48 -2.93 2.93
C LYS A 161 13.99 -3.85 4.05
N LEU A 162 13.05 -4.47 4.75
CA LEU A 162 13.36 -5.45 5.80
C LEU A 162 13.29 -6.87 5.21
N SER A 163 14.37 -7.63 5.42
CA SER A 163 14.46 -8.99 4.92
C SER A 163 13.53 -9.92 5.72
N ASP A 164 13.37 -11.15 5.23
CA ASP A 164 12.48 -12.13 5.84
C ASP A 164 12.96 -12.52 7.25
N PRO A 165 12.03 -12.95 8.13
CA PRO A 165 12.41 -13.17 9.54
C PRO A 165 13.44 -14.27 9.77
N GLY A 166 13.41 -15.35 8.98
CA GLY A 166 14.37 -16.43 9.20
C GLY A 166 13.94 -17.40 10.30
N ILE A 167 14.90 -18.20 10.76
CA ILE A 167 14.62 -19.19 11.79
C ILE A 167 14.33 -18.50 13.11
N SER A 168 13.28 -18.92 13.79
CA SER A 168 12.87 -18.30 15.05
C SER A 168 13.87 -18.65 16.16
N ILE A 169 14.20 -17.64 16.99
CA ILE A 169 15.05 -17.88 18.14
C ILE A 169 14.41 -18.85 19.12
N THR A 170 13.10 -19.08 19.01
CA THR A 170 12.46 -20.09 19.85
C THR A 170 12.91 -21.51 19.50
N VAL A 171 13.50 -21.74 18.33
CA VAL A 171 13.94 -23.09 17.98
C VAL A 171 15.44 -23.18 17.77
N LEU A 172 16.17 -22.09 17.86
CA LEU A 172 17.62 -22.15 17.65
C LEU A 172 18.34 -22.67 18.90
N PRO A 173 19.59 -23.14 18.73
CA PRO A 173 20.38 -23.48 19.92
C PRO A 173 20.64 -22.26 20.80
N LYS A 174 20.67 -22.50 22.11
CA LYS A 174 20.92 -21.43 23.07
C LYS A 174 22.30 -20.77 22.86
N ASP A 175 23.27 -21.52 22.35
CA ASP A 175 24.59 -20.91 22.11
C ASP A 175 24.56 -19.91 20.96
N ILE A 176 23.70 -20.12 19.96
CA ILE A 176 23.58 -19.13 18.90
C ILE A 176 22.90 -17.88 19.42
N LEU A 177 21.85 -18.04 20.24
CA LEU A 177 21.21 -16.88 20.86
C LEU A 177 22.22 -16.08 21.67
N GLN A 178 23.04 -16.75 22.49
CA GLN A 178 24.02 -16.04 23.31
C GLN A 178 25.00 -15.27 22.44
N GLU A 179 25.45 -15.88 21.34
CA GLU A 179 26.30 -15.18 20.39
C GLU A 179 25.61 -13.97 19.78
N ARG A 180 24.28 -13.99 19.68
CA ARG A 180 23.54 -12.90 19.08
C ARG A 180 23.16 -11.81 20.08
N ILE A 181 23.74 -11.83 21.28
CA ILE A 181 23.71 -10.64 22.14
C ILE A 181 24.53 -9.54 21.49
N PRO A 182 24.07 -8.26 21.45
CA PRO A 182 22.87 -7.71 22.10
C PRO A 182 21.70 -7.44 21.15
N TRP A 183 21.62 -8.18 20.04
CA TRP A 183 20.41 -8.13 19.22
C TRP A 183 19.28 -8.89 19.91
N VAL A 184 19.57 -10.06 20.45
CA VAL A 184 18.55 -10.83 21.19
C VAL A 184 18.36 -10.18 22.56
N PRO A 185 17.14 -9.88 22.96
CA PRO A 185 16.91 -9.11 24.20
C PRO A 185 17.15 -9.94 25.44
N PRO A 186 17.36 -9.29 26.59
CA PRO A 186 17.70 -10.04 27.81
C PRO A 186 16.60 -10.98 28.26
N GLU A 187 15.33 -10.66 28.02
CA GLU A 187 14.29 -11.57 28.42
C GLU A 187 14.26 -12.82 27.55
N CYS A 188 14.77 -12.76 26.34
CA CYS A 188 14.78 -13.97 25.52
C CYS A 188 16.01 -14.84 25.79
N ILE A 189 17.08 -14.26 26.31
CA ILE A 189 18.21 -15.04 26.82
C ILE A 189 17.77 -15.82 28.05
N GLU A 190 17.08 -15.14 28.96
CA GLU A 190 16.43 -15.79 30.09
C GLU A 190 15.54 -16.94 29.65
N ASN A 191 14.76 -16.75 28.58
CA ASN A 191 13.83 -17.76 28.08
C ASN A 191 13.39 -17.40 26.66
N PRO A 192 13.73 -18.21 25.65
CA PRO A 192 13.31 -17.87 24.28
C PRO A 192 11.80 -17.77 24.10
N LYS A 193 11.00 -18.38 24.99
CA LYS A 193 9.55 -18.26 24.88
C LYS A 193 9.05 -16.86 25.21
N ASN A 194 9.88 -16.01 25.80
CA ASN A 194 9.45 -14.62 26.01
C ASN A 194 9.42 -13.82 24.72
N LEU A 195 9.66 -14.43 23.56
CA LEU A 195 9.62 -13.68 22.30
C LEU A 195 8.26 -13.02 22.13
N ASN A 196 8.27 -11.73 21.81
CA ASN A 196 7.09 -10.89 21.91
C ASN A 196 7.34 -9.68 21.02
N LEU A 197 6.28 -8.90 20.76
CA LEU A 197 6.48 -7.67 19.99
C LEU A 197 7.54 -6.77 20.61
N ALA A 198 7.62 -6.75 21.94
CA ALA A 198 8.65 -5.99 22.65
C ALA A 198 10.06 -6.37 22.20
N THR A 199 10.27 -7.62 21.73
CA THR A 199 11.58 -8.04 21.25
C THR A 199 12.08 -7.13 20.14
N ASP A 200 11.22 -6.88 19.15
CA ASP A 200 11.62 -6.07 18.01
C ASP A 200 11.93 -4.63 18.37
N LYS A 201 11.42 -4.13 19.51
CA LYS A 201 11.80 -2.79 19.96
C LYS A 201 13.25 -2.77 20.45
N TRP A 202 13.64 -3.78 21.22
CA TRP A 202 15.03 -3.85 21.68
C TRP A 202 15.97 -3.95 20.49
N SER A 203 15.76 -4.94 19.63
CA SER A 203 16.62 -5.16 18.47
C SER A 203 16.66 -3.96 17.54
N PHE A 204 15.53 -3.25 17.38
CA PHE A 204 15.53 -2.03 16.59
C PHE A 204 16.58 -1.07 17.13
N GLY A 205 16.66 -0.96 18.46
CA GLY A 205 17.64 -0.09 19.07
C GLY A 205 19.05 -0.56 18.82
N THR A 206 19.27 -1.86 18.93
CA THR A 206 20.57 -2.40 18.54
C THR A 206 20.89 -2.08 17.08
N THR A 207 19.87 -2.12 16.22
CA THR A 207 20.10 -1.90 14.78
C THR A 207 20.42 -0.44 14.49
N LEU A 208 19.76 0.49 15.19
CA LEU A 208 20.16 1.89 15.08
C LEU A 208 21.61 2.07 15.52
N TRP A 209 22.03 1.36 16.56
CA TRP A 209 23.42 1.47 16.97
C TRP A 209 24.35 1.04 15.83
N GLU A 210 24.05 -0.08 15.17
CA GLU A 210 24.83 -0.49 14.00
C GLU A 210 24.85 0.60 12.94
N ILE A 211 23.68 1.18 12.66
CA ILE A 211 23.54 2.19 11.62
C ILE A 211 24.41 3.40 11.92
N CYS A 212 24.45 3.81 13.19
CA CYS A 212 25.21 4.99 13.60
C CYS A 212 26.70 4.73 13.80
N SER A 213 27.15 3.48 13.73
CA SER A 213 28.53 3.11 14.06
C SER A 213 29.31 2.66 12.83
N GLY A 214 28.90 3.04 11.64
CA GLY A 214 29.58 2.57 10.45
C GLY A 214 29.61 1.08 10.31
N GLY A 215 28.62 0.40 10.90
CA GLY A 215 28.55 -1.04 10.79
C GLY A 215 29.47 -1.83 11.69
N ASP A 216 29.99 -1.22 12.76
CA ASP A 216 30.64 -2.00 13.80
C ASP A 216 29.60 -2.92 14.45
N LYS A 217 30.08 -4.01 15.03
CA LYS A 217 29.20 -4.93 15.74
C LYS A 217 29.31 -4.63 17.22
N PRO A 218 28.24 -4.19 17.87
CA PRO A 218 28.33 -3.87 19.30
C PRO A 218 28.69 -5.10 20.11
N LEU A 219 29.62 -4.91 21.05
CA LEU A 219 30.11 -5.95 21.96
C LEU A 219 30.85 -7.09 21.25
N SER A 220 31.38 -6.85 20.03
CA SER A 220 32.05 -7.93 19.30
C SER A 220 33.32 -8.37 20.01
N ALA A 221 33.89 -7.49 20.85
CA ALA A 221 35.08 -7.82 21.62
C ALA A 221 34.79 -8.77 22.78
N LEU A 222 33.51 -9.00 23.11
CA LEU A 222 33.12 -9.85 24.23
C LEU A 222 32.74 -11.23 23.70
N ASP A 223 33.35 -12.28 24.28
CA ASP A 223 32.93 -13.64 23.98
C ASP A 223 31.55 -13.88 24.61
N SER A 224 30.98 -15.07 24.35
CA SER A 224 29.59 -15.30 24.76
C SER A 224 29.42 -15.19 26.28
N GLN A 225 30.42 -15.60 27.04
CA GLN A 225 30.33 -15.55 28.50
C GLN A 225 30.26 -14.11 28.99
N ARG A 226 31.04 -13.22 28.41
CA ARG A 226 30.99 -11.83 28.84
C ARG A 226 29.75 -11.12 28.30
N LYS A 227 29.25 -11.55 27.14
CA LYS A 227 27.99 -11.05 26.60
C LYS A 227 26.84 -11.30 27.56
N LEU A 228 26.77 -12.50 28.13
CA LEU A 228 25.81 -12.80 29.19
C LEU A 228 25.99 -11.89 30.39
N GLN A 229 27.24 -11.69 30.81
CA GLN A 229 27.49 -10.85 31.98
C GLN A 229 27.13 -9.39 31.70
N PHE A 230 27.25 -8.96 30.45
CA PHE A 230 26.73 -7.66 30.05
C PHE A 230 25.26 -7.52 30.45
N TYR A 231 24.43 -8.48 30.06
CA TYR A 231 23.01 -8.44 30.44
C TYR A 231 22.84 -8.61 31.94
N GLU A 232 23.71 -9.40 32.57
CA GLU A 232 23.58 -9.65 34.01
C GLU A 232 23.84 -8.38 34.80
N ASP A 233 24.78 -7.55 34.35
CA ASP A 233 25.08 -6.32 35.05
C ASP A 233 24.26 -5.14 34.53
N ARG A 234 23.26 -5.41 33.68
CA ARG A 234 22.33 -4.39 33.21
C ARG A 234 23.05 -3.20 32.56
N HIS A 235 24.07 -3.50 31.75
CA HIS A 235 24.75 -2.45 31.03
C HIS A 235 23.97 -2.04 29.78
N GLN A 236 24.26 -0.83 29.30
CA GLN A 236 23.75 -0.33 28.03
C GLN A 236 24.91 -0.12 27.08
N LEU A 237 24.59 -0.09 25.79
CA LEU A 237 25.63 0.11 24.80
C LEU A 237 26.22 1.52 24.92
N PRO A 238 27.47 1.70 24.50
CA PRO A 238 28.05 3.04 24.47
C PRO A 238 27.40 3.88 23.38
N ALA A 239 27.35 5.18 23.61
CA ALA A 239 26.84 6.07 22.57
C ALA A 239 27.77 5.99 21.36
N PRO A 240 27.23 5.77 20.16
CA PRO A 240 28.09 5.83 18.96
C PRO A 240 28.70 7.21 18.80
N LYS A 241 29.79 7.28 18.03
CA LYS A 241 30.50 8.54 17.83
C LYS A 241 29.54 9.61 17.31
N ALA A 242 28.82 9.31 16.24
CA ALA A 242 27.65 10.09 15.85
C ALA A 242 26.54 9.70 16.81
N ALA A 243 26.34 10.48 17.87
CA ALA A 243 25.53 10.08 19.00
C ALA A 243 24.11 10.63 18.95
N GLU A 244 23.73 11.26 17.84
CA GLU A 244 22.42 11.92 17.78
C GLU A 244 21.28 10.96 18.10
N LEU A 245 21.45 9.67 17.84
CA LEU A 245 20.41 8.69 18.13
C LEU A 245 20.66 7.91 19.43
N ALA A 246 21.67 8.29 20.22
CA ALA A 246 22.04 7.48 21.38
C ALA A 246 20.90 7.39 22.40
N ASN A 247 20.24 8.50 22.69
CA ASN A 247 19.13 8.46 23.65
C ASN A 247 18.03 7.52 23.16
N LEU A 248 17.69 7.61 21.85
CA LEU A 248 16.69 6.71 21.28
C LEU A 248 17.12 5.26 21.40
N ILE A 249 18.38 4.96 21.07
CA ILE A 249 18.86 3.58 21.18
C ILE A 249 18.63 3.06 22.59
N ASN A 250 19.06 3.82 23.60
CA ASN A 250 18.97 3.33 24.97
C ASN A 250 17.52 3.25 25.43
N ASN A 251 16.70 4.21 25.02
CA ASN A 251 15.27 4.13 25.31
C ASN A 251 14.67 2.85 24.73
N CYS A 252 15.13 2.42 23.55
CA CYS A 252 14.58 1.20 22.97
C CYS A 252 15.11 -0.05 23.65
N MET A 253 16.39 -0.04 23.99
CA MET A 253 17.03 -1.13 24.70
C MET A 253 16.79 -0.95 26.21
N ASP A 254 15.52 -1.08 26.57
CA ASP A 254 15.07 -1.00 27.95
C ASP A 254 14.92 -2.42 28.51
N TYR A 255 15.53 -2.69 29.66
CA TYR A 255 15.49 -4.04 30.19
C TYR A 255 14.10 -4.46 30.65
N GLU A 256 13.20 -3.51 30.91
CA GLU A 256 11.80 -3.85 31.16
C GLU A 256 11.05 -3.83 29.83
N PRO A 257 10.67 -4.99 29.28
CA PRO A 257 10.02 -5.01 27.94
C PRO A 257 8.76 -4.16 27.86
N ASP A 258 7.95 -4.12 28.93
CA ASP A 258 6.72 -3.33 28.91
C ASP A 258 6.95 -1.84 28.79
N HIS A 259 8.17 -1.37 29.01
CA HIS A 259 8.46 0.05 28.98
C HIS A 259 9.01 0.51 27.63
N ARG A 260 9.34 -0.43 26.74
CA ARG A 260 9.89 -0.05 25.44
C ARG A 260 8.83 0.69 24.64
N PRO A 261 9.17 1.84 24.06
CA PRO A 261 8.14 2.67 23.41
C PRO A 261 7.60 2.06 22.12
N SER A 262 6.34 2.39 21.82
CA SER A 262 5.72 1.93 20.59
C SER A 262 6.45 2.53 19.39
N PHE A 263 6.34 1.85 18.25
CA PHE A 263 6.99 2.37 17.06
C PHE A 263 6.35 3.68 16.59
N ARG A 264 5.05 3.88 16.87
CA ARG A 264 4.46 5.20 16.66
C ARG A 264 5.22 6.27 17.44
N ALA A 265 5.53 5.99 18.71
CA ALA A 265 6.30 6.95 19.51
C ALA A 265 7.74 7.02 19.05
N ILE A 266 8.31 5.93 18.52
CA ILE A 266 9.65 6.01 17.97
C ILE A 266 9.67 6.93 16.75
N ILE A 267 8.66 6.82 15.88
CA ILE A 267 8.63 7.64 14.68
C ILE A 267 8.54 9.12 15.04
N ARG A 268 7.66 9.45 15.98
CA ARG A 268 7.55 10.85 16.40
C ARG A 268 8.88 11.35 16.95
N ASP A 269 9.57 10.54 17.75
CA ASP A 269 10.88 10.94 18.25
C ASP A 269 11.85 11.16 17.10
N LEU A 270 11.86 10.25 16.13
CA LEU A 270 12.74 10.42 14.98
C LEU A 270 12.42 11.71 14.24
N ASN A 271 11.14 12.01 14.03
CA ASN A 271 10.77 13.23 13.30
C ASN A 271 11.16 14.49 14.05
N SER A 272 11.34 14.43 15.37
CA SER A 272 11.68 15.63 16.14
C SER A 272 13.13 16.04 15.95
N LEU A 273 14.02 15.09 15.69
CA LEU A 273 15.45 15.38 15.51
C LEU A 273 15.75 16.00 14.15
N VAL B 1 -16.53 13.64 -31.09
CA VAL B 1 -17.22 14.47 -30.12
C VAL B 1 -18.53 13.80 -29.70
N PHE B 2 -19.23 14.38 -28.73
CA PHE B 2 -20.46 13.78 -28.22
C PHE B 2 -21.60 13.98 -29.22
N HIS B 3 -22.39 12.93 -29.42
CA HIS B 3 -23.61 13.02 -30.21
C HIS B 3 -24.52 14.09 -29.61
N LYS B 4 -25.18 14.87 -30.46
CA LYS B 4 -26.04 15.96 -30.00
C LYS B 4 -27.49 15.48 -29.88
N ILE B 5 -28.09 15.77 -28.74
CA ILE B 5 -29.45 15.36 -28.43
C ILE B 5 -30.28 16.62 -28.25
N ARG B 6 -31.46 16.64 -28.85
CA ARG B 6 -32.32 17.81 -28.84
C ARG B 6 -33.23 17.81 -27.62
N ASN B 7 -33.48 19.01 -27.09
CA ASN B 7 -34.32 19.11 -25.91
C ASN B 7 -35.70 18.49 -26.14
N GLU B 8 -36.20 18.54 -27.37
CA GLU B 8 -37.53 17.99 -27.66
C GLU B 8 -37.61 16.49 -27.41
N ASP B 9 -36.47 15.79 -27.36
CA ASP B 9 -36.48 14.35 -27.17
C ASP B 9 -36.17 13.93 -25.74
N LEU B 10 -36.10 14.89 -24.80
CA LEU B 10 -35.80 14.61 -23.40
C LEU B 10 -36.96 15.07 -22.51
N ILE B 11 -37.32 14.23 -21.55
CA ILE B 11 -38.28 14.59 -20.51
C ILE B 11 -37.59 14.48 -19.16
N PHE B 12 -37.64 15.55 -18.37
CA PHE B 12 -37.09 15.52 -17.02
C PHE B 12 -38.10 14.95 -16.04
N ASN B 13 -37.62 14.05 -15.18
CA ASN B 13 -38.43 13.60 -14.06
C ASN B 13 -37.74 13.93 -12.74
N GLU B 14 -37.75 13.00 -11.78
CA GLU B 14 -37.43 13.38 -10.41
C GLU B 14 -35.96 13.76 -10.25
N SER B 15 -35.73 14.77 -9.42
CA SER B 15 -34.38 15.08 -8.96
C SER B 15 -33.80 13.89 -8.24
N LEU B 16 -32.57 13.52 -8.59
CA LEU B 16 -31.86 12.42 -7.95
C LEU B 16 -30.72 12.90 -7.07
N GLY B 17 -30.68 14.19 -6.78
CA GLY B 17 -29.70 14.77 -5.91
C GLY B 17 -29.06 16.00 -6.54
N GLN B 18 -28.14 16.58 -5.80
CA GLN B 18 -27.38 17.73 -6.27
C GLN B 18 -25.91 17.42 -6.08
N GLY B 19 -25.09 17.91 -7.00
CA GLY B 19 -23.65 17.89 -6.84
C GLY B 19 -23.16 19.31 -6.64
N THR B 20 -21.85 19.43 -6.54
CA THR B 20 -21.26 20.76 -6.59
C THR B 20 -21.34 21.23 -8.04
N PHE B 21 -22.17 22.26 -8.27
CA PHE B 21 -22.32 22.89 -9.57
C PHE B 21 -22.98 21.98 -10.60
N THR B 22 -23.53 20.85 -10.18
CA THR B 22 -24.28 19.98 -11.07
C THR B 22 -25.60 19.63 -10.42
N LYS B 23 -26.66 19.59 -11.22
CA LYS B 23 -27.95 19.05 -10.81
C LYS B 23 -28.14 17.68 -11.44
N ILE B 24 -28.79 16.76 -10.70
CA ILE B 24 -28.97 15.37 -11.13
C ILE B 24 -30.46 15.07 -11.22
N PHE B 25 -30.88 14.49 -12.35
CA PHE B 25 -32.29 14.17 -12.61
C PHE B 25 -32.42 12.82 -13.30
N LYS B 26 -33.41 12.03 -12.89
CA LYS B 26 -33.88 10.98 -13.77
C LYS B 26 -34.64 11.58 -14.94
N GLY B 27 -34.58 10.92 -16.10
CA GLY B 27 -35.25 11.43 -17.27
C GLY B 27 -35.66 10.31 -18.21
N VAL B 28 -36.25 10.69 -19.33
CA VAL B 28 -36.60 9.78 -20.41
C VAL B 28 -36.13 10.39 -21.73
N ARG B 29 -35.49 9.57 -22.56
CA ARG B 29 -35.10 9.97 -23.90
C ARG B 29 -35.88 9.17 -24.93
N ARG B 30 -36.50 9.88 -25.88
CA ARG B 30 -37.10 9.26 -27.05
C ARG B 30 -36.07 9.19 -28.17
N GLU B 31 -35.92 8.01 -28.78
CA GLU B 31 -34.87 7.81 -29.77
C GLU B 31 -35.28 6.71 -30.73
N VAL B 32 -34.69 6.73 -31.91
CA VAL B 32 -34.78 5.59 -32.83
C VAL B 32 -33.59 4.69 -32.55
N GLY B 33 -33.87 3.43 -32.21
CA GLY B 33 -32.83 2.48 -31.87
C GLY B 33 -32.57 1.50 -33.00
N ASP B 34 -32.02 0.34 -32.63
CA ASP B 34 -31.70 -0.69 -33.60
C ASP B 34 -32.92 -1.07 -34.43
N TYR B 35 -32.65 -1.47 -35.69
CA TYR B 35 -33.66 -1.84 -36.67
C TYR B 35 -34.73 -0.76 -36.85
N GLY B 36 -34.42 0.49 -36.51
CA GLY B 36 -35.41 1.55 -36.63
C GLY B 36 -36.51 1.54 -35.59
N GLN B 37 -36.39 0.73 -34.53
CA GLN B 37 -37.44 0.71 -33.52
C GLN B 37 -37.43 2.00 -32.71
N LEU B 38 -38.62 2.54 -32.46
CA LEU B 38 -38.77 3.69 -31.57
C LEU B 38 -38.67 3.25 -30.13
N HIS B 39 -37.88 3.98 -29.34
CA HIS B 39 -37.61 3.63 -27.96
C HIS B 39 -37.84 4.83 -27.05
N GLU B 40 -38.34 4.57 -25.85
CA GLU B 40 -38.32 5.57 -24.78
C GLU B 40 -37.44 5.00 -23.68
N THR B 41 -36.27 5.61 -23.50
CA THR B 41 -35.19 5.01 -22.72
C THR B 41 -34.97 5.84 -21.45
N GLU B 42 -35.05 5.18 -20.29
CA GLU B 42 -34.66 5.82 -19.05
C GLU B 42 -33.21 6.30 -19.15
N VAL B 43 -32.97 7.52 -18.66
CA VAL B 43 -31.64 8.12 -18.72
C VAL B 43 -31.36 8.88 -17.44
N LEU B 44 -30.08 9.07 -17.15
CA LEU B 44 -29.63 9.92 -16.06
C LEU B 44 -29.15 11.23 -16.68
N LEU B 45 -29.67 12.36 -16.17
CA LEU B 45 -29.38 13.67 -16.72
C LEU B 45 -28.53 14.46 -15.72
N LYS B 46 -27.31 14.79 -16.13
CA LYS B 46 -26.40 15.62 -15.35
C LYS B 46 -26.35 17.01 -15.99
N VAL B 47 -26.65 18.04 -15.19
CA VAL B 47 -26.98 19.37 -15.70
C VAL B 47 -26.05 20.40 -15.10
N LEU B 48 -25.41 21.21 -15.97
CA LEU B 48 -24.57 22.31 -15.57
C LEU B 48 -25.12 23.61 -16.15
N ASP B 49 -25.05 24.67 -15.36
CA ASP B 49 -25.45 26.00 -15.81
C ASP B 49 -24.44 26.53 -16.84
N LYS B 50 -24.95 26.94 -18.01
CA LYS B 50 -24.07 27.51 -19.04
C LYS B 50 -23.31 28.73 -18.53
N ALA B 51 -23.79 29.37 -17.46
CA ALA B 51 -23.09 30.54 -16.93
C ALA B 51 -21.71 30.17 -16.39
N HIS B 52 -21.55 28.95 -15.87
CA HIS B 52 -20.26 28.49 -15.34
C HIS B 52 -19.44 27.95 -16.51
N ARG B 53 -18.82 28.87 -17.26
CA ARG B 53 -18.12 28.49 -18.47
C ARG B 53 -16.99 27.50 -18.18
N ASN B 54 -16.18 27.79 -17.16
CA ASN B 54 -15.01 26.94 -16.91
C ASN B 54 -15.43 25.59 -16.32
N TYR B 55 -16.39 25.59 -15.41
CA TYR B 55 -16.87 24.33 -14.83
C TYR B 55 -17.44 23.43 -15.92
N SER B 56 -18.28 24.01 -16.80
CA SER B 56 -18.89 23.24 -17.88
C SER B 56 -17.85 22.66 -18.83
N GLU B 57 -16.83 23.44 -19.18
CA GLU B 57 -15.78 22.94 -20.05
C GLU B 57 -15.01 21.80 -19.41
N SER B 58 -14.58 21.98 -18.16
CA SER B 58 -13.87 20.92 -17.45
C SER B 58 -14.70 19.64 -17.38
N PHE B 59 -15.98 19.78 -17.03
CA PHE B 59 -16.87 18.63 -16.86
C PHE B 59 -17.02 17.83 -18.15
N PHE B 60 -17.36 18.52 -19.25
CA PHE B 60 -17.64 17.80 -20.49
C PHE B 60 -16.38 17.38 -21.24
N GLU B 61 -15.27 18.12 -21.10
CA GLU B 61 -14.02 17.61 -21.63
C GLU B 61 -13.64 16.30 -20.95
N ALA B 62 -13.77 16.25 -19.62
CA ALA B 62 -13.46 15.03 -18.88
C ALA B 62 -14.39 13.89 -19.28
N ALA B 63 -15.69 14.20 -19.40
CA ALA B 63 -16.65 13.19 -19.84
C ALA B 63 -16.31 12.66 -21.22
N SER B 64 -15.93 13.55 -22.14
CA SER B 64 -15.60 13.13 -23.49
C SER B 64 -14.34 12.27 -23.53
N MET B 65 -13.30 12.67 -22.79
CA MET B 65 -12.04 11.92 -22.78
C MET B 65 -12.27 10.46 -22.34
N MET B 66 -13.00 10.26 -21.24
CA MET B 66 -13.20 8.89 -20.78
C MET B 66 -14.13 8.12 -21.71
N SER B 67 -15.14 8.78 -22.28
CA SER B 67 -16.05 8.09 -23.19
C SER B 67 -15.37 7.62 -24.48
N LYS B 68 -14.27 8.24 -24.88
CA LYS B 68 -13.52 7.69 -26.01
C LYS B 68 -12.93 6.31 -25.72
N LEU B 69 -12.86 5.90 -24.45
CA LEU B 69 -12.33 4.61 -24.04
C LEU B 69 -13.47 3.72 -23.57
N SER B 70 -14.13 3.03 -24.50
CA SER B 70 -15.21 2.12 -24.13
C SER B 70 -14.65 1.00 -23.26
N HIS B 71 -15.38 0.63 -22.20
CA HIS B 71 -14.97 -0.46 -21.32
C HIS B 71 -16.16 -0.90 -20.50
N LYS B 72 -16.23 -2.21 -20.21
CA LYS B 72 -17.40 -2.73 -19.49
C LYS B 72 -17.58 -2.09 -18.11
N HIS B 73 -16.50 -1.62 -17.48
CA HIS B 73 -16.57 -1.04 -16.15
C HIS B 73 -16.59 0.49 -16.16
N LEU B 74 -16.77 1.13 -17.32
CA LEU B 74 -16.85 2.59 -17.41
C LEU B 74 -18.23 3.00 -17.90
N VAL B 75 -18.82 4.00 -17.22
CA VAL B 75 -20.20 4.40 -17.50
C VAL B 75 -20.38 4.79 -18.96
N LEU B 76 -21.58 4.56 -19.49
CA LEU B 76 -21.88 4.91 -20.87
C LEU B 76 -22.61 6.24 -20.93
N ASN B 77 -22.07 7.16 -21.72
CA ASN B 77 -22.71 8.45 -22.02
C ASN B 77 -23.31 8.41 -23.42
N TYR B 78 -24.60 8.76 -23.53
CA TYR B 78 -25.27 8.72 -24.83
C TYR B 78 -24.98 9.95 -25.67
N GLY B 79 -24.75 11.10 -25.04
CA GLY B 79 -24.54 12.33 -25.74
C GLY B 79 -24.78 13.51 -24.82
N VAL B 80 -24.88 14.70 -25.43
CA VAL B 80 -25.11 15.95 -24.70
C VAL B 80 -26.27 16.69 -25.34
N CYS B 81 -26.99 17.45 -24.51
CA CYS B 81 -28.04 18.38 -24.93
C CYS B 81 -27.62 19.79 -24.51
N VAL B 82 -27.55 20.69 -25.50
CA VAL B 82 -27.18 22.08 -25.23
C VAL B 82 -28.23 23.03 -25.78
N CYS B 83 -29.47 22.56 -25.88
CA CYS B 83 -30.51 23.33 -26.57
C CYS B 83 -30.94 24.56 -25.79
N GLY B 84 -30.97 24.48 -24.45
CA GLY B 84 -31.51 25.57 -23.66
C GLY B 84 -30.46 26.36 -22.89
N ASP B 85 -30.77 26.73 -21.66
CA ASP B 85 -29.85 27.47 -20.80
C ASP B 85 -28.82 26.58 -20.13
N GLU B 86 -28.81 25.29 -20.45
CA GLU B 86 -28.05 24.32 -19.71
C GLU B 86 -27.30 23.38 -20.64
N ASN B 87 -26.10 22.98 -20.22
CA ASN B 87 -25.41 21.87 -20.85
C ASN B 87 -25.78 20.61 -20.09
N ILE B 88 -26.28 19.62 -20.80
CA ILE B 88 -26.77 18.39 -20.17
C ILE B 88 -25.95 17.23 -20.71
N LEU B 89 -25.41 16.43 -19.79
CA LEU B 89 -24.84 15.14 -20.15
C LEU B 89 -25.95 14.09 -20.01
N VAL B 90 -26.16 13.31 -21.07
CA VAL B 90 -27.24 12.33 -21.12
C VAL B 90 -26.61 10.94 -20.97
N GLN B 91 -26.82 10.32 -19.82
CA GLN B 91 -26.04 9.17 -19.37
C GLN B 91 -26.96 7.97 -19.13
N GLU B 92 -26.38 6.77 -19.20
CA GLU B 92 -27.14 5.57 -18.90
C GLU B 92 -27.70 5.65 -17.49
N PHE B 93 -28.92 5.17 -17.31
CA PHE B 93 -29.53 5.14 -15.99
C PHE B 93 -29.24 3.80 -15.34
N VAL B 94 -28.53 3.84 -14.23
CA VAL B 94 -28.10 2.65 -13.51
C VAL B 94 -29.14 2.33 -12.44
N LYS B 95 -29.61 1.09 -12.42
CA LYS B 95 -30.78 0.75 -11.62
C LYS B 95 -30.59 1.11 -10.14
N PHE B 96 -29.44 0.79 -9.57
CA PHE B 96 -29.28 0.84 -8.12
C PHE B 96 -28.47 2.05 -7.65
N GLY B 97 -28.12 2.95 -8.55
CA GLY B 97 -27.53 4.19 -8.15
C GLY B 97 -26.09 4.11 -7.65
N SER B 98 -25.76 5.13 -6.86
CA SER B 98 -24.41 5.34 -6.33
C SER B 98 -24.15 4.42 -5.17
N LEU B 99 -22.92 3.94 -5.08
CA LEU B 99 -22.59 2.92 -4.09
C LEU B 99 -22.60 3.46 -2.67
N ASP B 100 -22.24 4.72 -2.46
CA ASP B 100 -22.18 5.23 -1.09
C ASP B 100 -23.54 5.13 -0.41
N THR B 101 -24.61 5.57 -1.08
CA THR B 101 -25.92 5.47 -0.42
C THR B 101 -26.39 4.02 -0.33
N TYR B 102 -26.02 3.21 -1.32
CA TYR B 102 -26.40 1.79 -1.30
C TYR B 102 -25.74 1.06 -0.15
N LEU B 103 -24.47 1.38 0.15
CA LEU B 103 -23.80 0.80 1.29
C LEU B 103 -24.44 1.26 2.59
N LYS B 104 -24.83 2.52 2.67
CA LYS B 104 -25.48 3.02 3.88
C LYS B 104 -26.83 2.35 4.09
N LYS B 105 -27.52 1.98 3.02
CA LYS B 105 -28.85 1.38 3.14
C LYS B 105 -28.81 -0.12 3.36
N ASN B 106 -27.74 -0.81 2.98
CA ASN B 106 -27.67 -2.26 3.12
C ASN B 106 -26.53 -2.69 4.03
N LYS B 107 -26.04 -1.76 4.87
CA LYS B 107 -25.01 -1.95 5.87
C LYS B 107 -24.87 -3.38 6.39
N ASN B 108 -25.85 -3.84 7.16
CA ASN B 108 -25.79 -5.19 7.72
C ASN B 108 -26.37 -6.24 6.78
N CYS B 109 -26.15 -6.08 5.48
CA CYS B 109 -26.45 -7.12 4.52
C CYS B 109 -25.29 -7.42 3.58
N ILE B 110 -24.15 -6.77 3.77
CA ILE B 110 -23.04 -6.84 2.83
C ILE B 110 -21.84 -7.45 3.54
N ASN B 111 -21.34 -8.56 2.99
CA ASN B 111 -20.26 -9.34 3.57
C ASN B 111 -18.93 -9.01 2.90
N ILE B 112 -17.86 -9.63 3.40
CA ILE B 112 -16.52 -9.28 2.95
C ILE B 112 -16.28 -9.74 1.52
N LEU B 113 -16.93 -10.82 1.09
CA LEU B 113 -16.77 -11.26 -0.30
C LEU B 113 -17.41 -10.28 -1.28
N TRP B 114 -18.58 -9.74 -0.90
CA TRP B 114 -19.20 -8.68 -1.68
C TRP B 114 -18.27 -7.48 -1.82
N LYS B 115 -17.66 -7.05 -0.71
CA LYS B 115 -16.75 -5.89 -0.73
C LYS B 115 -15.48 -6.19 -1.54
N LEU B 116 -14.93 -7.38 -1.36
CA LEU B 116 -13.75 -7.78 -2.13
C LEU B 116 -14.05 -7.77 -3.62
N GLU B 117 -15.19 -8.31 -4.02
CA GLU B 117 -15.54 -8.40 -5.43
C GLU B 117 -15.72 -7.01 -6.05
N VAL B 118 -16.34 -6.09 -5.31
CA VAL B 118 -16.50 -4.73 -5.79
C VAL B 118 -15.15 -4.03 -5.89
N ALA B 119 -14.27 -4.28 -4.92
CA ALA B 119 -12.92 -3.71 -4.95
C ALA B 119 -12.16 -4.17 -6.20
N LYS B 120 -12.17 -5.48 -6.48
CA LYS B 120 -11.50 -6.02 -7.65
C LYS B 120 -12.00 -5.38 -8.95
N GLN B 121 -13.32 -5.20 -9.07
CA GLN B 121 -13.88 -4.60 -10.28
C GLN B 121 -13.44 -3.17 -10.43
N LEU B 122 -13.47 -2.39 -9.33
CA LEU B 122 -13.01 -1.00 -9.41
C LEU B 122 -11.53 -0.94 -9.74
N ALA B 123 -10.71 -1.79 -9.11
CA ALA B 123 -9.30 -1.85 -9.48
C ALA B 123 -9.13 -2.21 -10.96
N ALA B 124 -9.99 -3.07 -11.49
CA ALA B 124 -9.88 -3.41 -12.91
C ALA B 124 -10.21 -2.22 -13.79
N ALA B 125 -11.16 -1.37 -13.38
CA ALA B 125 -11.43 -0.14 -14.13
C ALA B 125 -10.27 0.85 -14.03
N MET B 126 -9.63 0.96 -12.86
CA MET B 126 -8.49 1.87 -12.71
C MET B 126 -7.24 1.37 -13.44
N HIS B 127 -7.04 0.06 -13.49
CA HIS B 127 -5.91 -0.47 -14.25
C HIS B 127 -6.04 -0.14 -15.74
N PHE B 128 -7.26 -0.29 -16.28
CA PHE B 128 -7.52 0.09 -17.66
C PHE B 128 -7.23 1.57 -17.88
N LEU B 129 -7.63 2.41 -16.93
CA LEU B 129 -7.33 3.84 -17.04
C LEU B 129 -5.84 4.11 -16.94
N GLU B 130 -5.16 3.45 -15.99
CA GLU B 130 -3.72 3.62 -15.85
C GLU B 130 -2.99 3.22 -17.14
N GLU B 131 -3.37 2.08 -17.73
CA GLU B 131 -2.76 1.65 -18.98
C GLU B 131 -2.99 2.63 -20.12
N ASN B 132 -4.11 3.37 -20.08
CA ASN B 132 -4.38 4.40 -21.07
C ASN B 132 -3.90 5.77 -20.62
N THR B 133 -3.19 5.83 -19.49
CA THR B 133 -2.68 7.07 -18.90
C THR B 133 -3.75 8.16 -18.85
N LEU B 134 -4.96 7.79 -18.46
CA LEU B 134 -6.05 8.76 -18.31
C LEU B 134 -6.39 8.90 -16.83
N ILE B 135 -6.29 10.12 -16.33
CA ILE B 135 -6.61 10.44 -14.93
C ILE B 135 -8.11 10.57 -14.77
N HIS B 136 -8.68 9.91 -13.76
CA HIS B 136 -10.09 10.15 -13.43
C HIS B 136 -10.22 11.40 -12.56
N GLY B 137 -9.58 11.41 -11.38
CA GLY B 137 -9.41 12.58 -10.55
C GLY B 137 -10.50 12.81 -9.50
N ASN B 138 -11.56 12.01 -9.48
CA ASN B 138 -12.62 12.17 -8.49
C ASN B 138 -13.16 10.81 -8.09
N VAL B 139 -12.26 9.86 -7.82
CA VAL B 139 -12.70 8.53 -7.41
C VAL B 139 -13.24 8.58 -6.00
N CYS B 140 -14.46 8.09 -5.81
CA CYS B 140 -15.14 8.01 -4.53
C CYS B 140 -16.28 7.00 -4.67
N ALA B 141 -16.79 6.56 -3.53
CA ALA B 141 -17.88 5.59 -3.56
C ALA B 141 -19.12 6.15 -4.25
N LYS B 142 -19.39 7.45 -4.11
CA LYS B 142 -20.52 8.05 -4.82
C LYS B 142 -20.33 7.93 -6.33
N ASN B 143 -19.09 7.86 -6.79
CA ASN B 143 -18.82 7.74 -8.21
C ASN B 143 -18.73 6.30 -8.66
N ILE B 144 -19.11 5.35 -7.82
CA ILE B 144 -19.27 3.97 -8.26
C ILE B 144 -20.76 3.72 -8.46
N LEU B 145 -21.13 3.14 -9.60
CA LEU B 145 -22.53 2.88 -9.95
C LEU B 145 -22.78 1.38 -9.93
N LEU B 146 -23.83 0.95 -9.23
CA LEU B 146 -24.15 -0.47 -9.08
C LEU B 146 -25.15 -0.88 -10.16
N ILE B 147 -24.66 -1.61 -11.17
CA ILE B 147 -25.50 -2.03 -12.28
C ILE B 147 -26.45 -3.14 -11.82
N ARG B 148 -25.96 -4.10 -11.04
CA ARG B 148 -26.82 -5.18 -10.62
C ARG B 148 -26.34 -5.72 -9.28
N GLU B 149 -27.30 -6.19 -8.48
CA GLU B 149 -26.95 -6.67 -7.16
C GLU B 149 -26.39 -8.07 -7.26
N GLU B 150 -25.69 -8.48 -6.21
CA GLU B 150 -25.36 -9.88 -6.06
C GLU B 150 -26.63 -10.71 -6.10
N ASP B 151 -26.55 -11.88 -6.72
CA ASP B 151 -27.62 -12.86 -6.68
C ASP B 151 -27.13 -14.00 -5.80
N ARG B 152 -27.36 -13.86 -4.48
CA ARG B 152 -26.87 -14.84 -3.51
C ARG B 152 -27.31 -16.25 -3.83
N LYS B 153 -28.39 -16.42 -4.61
CA LYS B 153 -28.83 -17.72 -5.08
C LYS B 153 -27.85 -18.27 -6.11
N THR B 154 -27.91 -17.76 -7.35
CA THR B 154 -27.10 -18.30 -8.43
C THR B 154 -25.63 -17.88 -8.34
N GLY B 155 -25.16 -17.54 -7.15
CA GLY B 155 -23.77 -17.19 -6.90
C GLY B 155 -23.25 -16.07 -7.79
N ASN B 156 -24.15 -15.20 -8.23
CA ASN B 156 -23.85 -14.22 -9.27
C ASN B 156 -23.35 -12.94 -8.63
N PRO B 157 -22.14 -12.47 -8.95
CA PRO B 157 -21.55 -11.34 -8.22
C PRO B 157 -22.26 -10.05 -8.57
N PRO B 158 -22.10 -9.02 -7.73
CA PRO B 158 -22.54 -7.68 -8.14
C PRO B 158 -21.68 -7.18 -9.27
N PHE B 159 -22.16 -6.14 -9.96
CA PHE B 159 -21.42 -5.55 -11.07
C PHE B 159 -21.49 -4.03 -10.95
N ILE B 160 -20.32 -3.39 -11.00
CA ILE B 160 -20.25 -1.94 -10.81
C ILE B 160 -19.60 -1.28 -12.04
N LYS B 161 -19.79 0.03 -12.13
CA LYS B 161 -19.16 0.86 -13.15
C LYS B 161 -18.66 2.15 -12.52
N LEU B 162 -17.66 2.75 -13.16
CA LEU B 162 -17.10 4.02 -12.72
C LEU B 162 -17.81 5.15 -13.45
N SER B 163 -18.30 6.12 -12.69
CA SER B 163 -18.99 7.27 -13.23
C SER B 163 -17.99 8.23 -13.89
N ASP B 164 -18.51 9.23 -14.59
CA ASP B 164 -17.68 10.18 -15.33
C ASP B 164 -16.87 11.06 -14.38
N PRO B 165 -15.75 11.63 -14.88
CA PRO B 165 -14.82 12.31 -13.95
C PRO B 165 -15.41 13.56 -13.29
N GLY B 166 -16.22 14.34 -13.99
CA GLY B 166 -16.76 15.56 -13.41
C GLY B 166 -15.81 16.74 -13.56
N ILE B 167 -16.04 17.77 -12.74
CA ILE B 167 -15.20 18.97 -12.75
C ILE B 167 -13.85 18.66 -12.15
N SER B 168 -12.78 19.08 -12.83
CA SER B 168 -11.44 18.79 -12.35
C SER B 168 -11.10 19.61 -11.11
N ILE B 169 -10.37 18.99 -10.16
CA ILE B 169 -9.96 19.70 -8.95
C ILE B 169 -9.00 20.84 -9.27
N THR B 170 -8.40 20.84 -10.46
CA THR B 170 -7.54 21.95 -10.86
C THR B 170 -8.30 23.24 -11.08
N VAL B 171 -9.62 23.19 -11.25
CA VAL B 171 -10.41 24.40 -11.42
C VAL B 171 -11.39 24.65 -10.28
N LEU B 172 -11.42 23.78 -9.26
CA LEU B 172 -12.44 24.00 -8.24
C LEU B 172 -11.95 24.94 -7.15
N PRO B 173 -12.87 25.61 -6.46
CA PRO B 173 -12.47 26.47 -5.34
C PRO B 173 -11.79 25.68 -4.24
N LYS B 174 -10.88 26.35 -3.54
CA LYS B 174 -10.07 25.71 -2.51
C LYS B 174 -10.91 25.17 -1.36
N ASP B 175 -12.05 25.80 -1.08
CA ASP B 175 -12.87 25.35 0.03
C ASP B 175 -13.58 24.03 -0.28
N ILE B 176 -13.87 23.77 -1.55
CA ILE B 176 -14.44 22.47 -1.93
C ILE B 176 -13.38 21.39 -1.85
N LEU B 177 -12.16 21.70 -2.30
CA LEU B 177 -11.05 20.75 -2.17
C LEU B 177 -10.84 20.37 -0.71
N GLN B 178 -10.80 21.37 0.18
CA GLN B 178 -10.57 21.07 1.59
C GLN B 178 -11.69 20.25 2.18
N GLU B 179 -12.93 20.45 1.75
CA GLU B 179 -14.03 19.64 2.24
C GLU B 179 -13.96 18.20 1.72
N ARG B 180 -13.24 17.96 0.63
CA ARG B 180 -13.13 16.62 0.07
C ARG B 180 -11.88 15.88 0.53
N ILE B 181 -11.21 16.37 1.56
CA ILE B 181 -10.26 15.55 2.31
C ILE B 181 -11.04 14.46 3.03
N PRO B 182 -10.62 13.17 2.99
CA PRO B 182 -9.33 12.68 2.46
C PRO B 182 -9.42 11.95 1.10
N TRP B 183 -10.40 12.30 0.26
CA TRP B 183 -10.38 11.83 -1.13
C TRP B 183 -9.34 12.59 -1.94
N VAL B 184 -9.28 13.90 -1.79
CA VAL B 184 -8.24 14.72 -2.43
C VAL B 184 -6.92 14.46 -1.72
N PRO B 185 -5.88 14.02 -2.42
CA PRO B 185 -4.62 13.63 -1.76
C PRO B 185 -3.86 14.85 -1.27
N PRO B 186 -2.92 14.66 -0.31
CA PRO B 186 -2.25 15.82 0.30
C PRO B 186 -1.46 16.67 -0.69
N GLU B 187 -0.85 16.06 -1.72
CA GLU B 187 -0.12 16.89 -2.67
C GLU B 187 -1.07 17.73 -3.51
N CYS B 188 -2.34 17.34 -3.65
CA CYS B 188 -3.25 18.19 -4.40
C CYS B 188 -3.90 19.26 -3.53
N ILE B 189 -4.00 19.04 -2.21
CA ILE B 189 -4.37 20.11 -1.29
C ILE B 189 -3.32 21.20 -1.33
N GLU B 190 -2.05 20.83 -1.32
CA GLU B 190 -0.99 21.82 -1.42
C GLU B 190 -1.00 22.50 -2.79
N ASN B 191 -1.20 21.73 -3.87
CA ASN B 191 -1.17 22.28 -5.23
C ASN B 191 -2.10 21.46 -6.11
N PRO B 192 -3.31 21.95 -6.38
CA PRO B 192 -4.23 21.23 -7.28
C PRO B 192 -3.62 20.88 -8.62
N LYS B 193 -2.62 21.63 -9.08
CA LYS B 193 -1.97 21.26 -10.34
C LYS B 193 -1.10 20.02 -10.23
N ASN B 194 -0.85 19.49 -9.03
CA ASN B 194 -0.09 18.25 -8.91
C ASN B 194 -0.95 17.05 -9.28
N LEU B 195 -2.09 17.28 -9.92
CA LEU B 195 -2.99 16.21 -10.31
C LEU B 195 -2.29 15.27 -11.31
N ASN B 196 -2.38 13.97 -11.05
CA ASN B 196 -1.46 12.98 -11.61
C ASN B 196 -2.12 11.62 -11.49
N LEU B 197 -1.57 10.62 -12.18
CA LEU B 197 -2.10 9.26 -12.05
C LEU B 197 -2.03 8.77 -10.61
N ALA B 198 -1.00 9.19 -9.87
CA ALA B 198 -0.86 8.85 -8.46
C ALA B 198 -2.03 9.36 -7.62
N THR B 199 -2.70 10.43 -8.07
CA THR B 199 -3.90 10.91 -7.37
C THR B 199 -4.94 9.80 -7.26
N ASP B 200 -5.14 9.05 -8.33
CA ASP B 200 -6.19 8.04 -8.35
C ASP B 200 -5.89 6.86 -7.44
N LYS B 201 -4.61 6.57 -7.19
CA LYS B 201 -4.25 5.53 -6.22
C LYS B 201 -4.66 5.94 -4.80
N TRP B 202 -4.36 7.19 -4.43
CA TRP B 202 -4.74 7.65 -3.11
C TRP B 202 -6.26 7.56 -2.92
N SER B 203 -7.00 8.14 -3.88
CA SER B 203 -8.46 8.20 -3.79
C SER B 203 -9.09 6.82 -3.83
N PHE B 204 -8.46 5.87 -4.54
CA PHE B 204 -8.95 4.49 -4.55
C PHE B 204 -8.94 3.92 -3.15
N GLY B 205 -7.85 4.18 -2.41
CA GLY B 205 -7.76 3.71 -1.04
C GLY B 205 -8.84 4.33 -0.17
N THR B 206 -9.04 5.64 -0.29
CA THR B 206 -10.16 6.26 0.42
C THR B 206 -11.48 5.58 0.07
N THR B 207 -11.64 5.17 -1.20
CA THR B 207 -12.90 4.56 -1.65
C THR B 207 -13.07 3.15 -1.08
N LEU B 208 -11.97 2.39 -1.00
CA LEU B 208 -12.04 1.10 -0.30
C LEU B 208 -12.46 1.31 1.15
N TRP B 209 -11.93 2.34 1.79
CA TRP B 209 -12.35 2.62 3.16
C TRP B 209 -13.86 2.82 3.24
N GLU B 210 -14.40 3.68 2.35
CA GLU B 210 -15.87 3.83 2.29
C GLU B 210 -16.57 2.49 2.11
N ILE B 211 -16.07 1.68 1.16
CA ILE B 211 -16.68 0.40 0.85
C ILE B 211 -16.71 -0.51 2.07
N CYS B 212 -15.60 -0.56 2.81
CA CYS B 212 -15.52 -1.41 3.98
C CYS B 212 -16.19 -0.82 5.21
N SER B 213 -16.67 0.43 5.16
CA SER B 213 -17.23 1.11 6.33
C SER B 213 -18.74 1.35 6.21
N GLY B 214 -19.45 0.56 5.41
CA GLY B 214 -20.90 0.68 5.33
C GLY B 214 -21.38 2.01 4.80
N GLY B 215 -20.54 2.71 4.04
CA GLY B 215 -20.91 4.00 3.52
C GLY B 215 -20.65 5.18 4.43
N ASP B 216 -20.04 4.98 5.60
CA ASP B 216 -19.59 6.10 6.42
C ASP B 216 -18.65 6.99 5.61
N LYS B 217 -18.55 8.25 6.03
CA LYS B 217 -17.60 9.17 5.41
C LYS B 217 -16.41 9.36 6.33
N PRO B 218 -15.22 8.93 5.92
CA PRO B 218 -14.04 9.10 6.77
C PRO B 218 -13.77 10.57 7.03
N LEU B 219 -13.44 10.87 8.29
CA LEU B 219 -13.11 12.21 8.80
C LEU B 219 -14.30 13.19 8.79
N SER B 220 -15.53 12.71 8.64
CA SER B 220 -16.67 13.63 8.56
C SER B 220 -16.87 14.41 9.87
N ALA B 221 -16.41 13.85 10.99
CA ALA B 221 -16.43 14.56 12.27
C ALA B 221 -15.51 15.77 12.30
N LEU B 222 -14.56 15.88 11.37
CA LEU B 222 -13.56 16.95 11.35
C LEU B 222 -13.98 18.07 10.41
N ASP B 223 -14.01 19.32 10.90
CA ASP B 223 -14.26 20.45 10.01
C ASP B 223 -13.06 20.62 9.09
N SER B 224 -13.17 21.56 8.13
CA SER B 224 -12.13 21.66 7.11
C SER B 224 -10.77 21.98 7.70
N GLN B 225 -10.75 22.77 8.79
CA GLN B 225 -9.48 23.12 9.43
C GLN B 225 -8.82 21.90 10.05
N ARG B 226 -9.61 21.02 10.65
CA ARG B 226 -9.00 19.83 11.24
C ARG B 226 -8.66 18.78 10.18
N LYS B 227 -9.36 18.79 9.03
CA LYS B 227 -8.97 17.92 7.92
C LYS B 227 -7.59 18.28 7.39
N LEU B 228 -7.33 19.58 7.23
CA LEU B 228 -5.99 20.03 6.84
C LEU B 228 -4.94 19.58 7.85
N GLN B 229 -5.24 19.70 9.14
CA GLN B 229 -4.26 19.30 10.14
C GLN B 229 -4.05 17.80 10.16
N PHE B 230 -5.09 17.02 9.84
CA PHE B 230 -4.92 15.59 9.63
C PHE B 230 -3.82 15.32 8.60
N TYR B 231 -3.88 15.99 7.44
CA TYR B 231 -2.78 15.84 6.48
C TYR B 231 -1.47 16.39 7.04
N GLU B 232 -1.54 17.45 7.85
CA GLU B 232 -0.32 18.09 8.34
C GLU B 232 0.44 17.19 9.30
N ASP B 233 -0.28 16.44 10.12
CA ASP B 233 0.35 15.53 11.06
C ASP B 233 0.54 14.15 10.46
N ARG B 234 0.26 14.01 9.16
CA ARG B 234 0.52 12.79 8.39
C ARG B 234 -0.19 11.59 9.01
N HIS B 235 -1.43 11.78 9.41
CA HIS B 235 -2.22 10.68 9.94
C HIS B 235 -2.76 9.81 8.80
N GLN B 236 -3.10 8.58 9.15
CA GLN B 236 -3.79 7.66 8.26
C GLN B 236 -5.18 7.39 8.81
N LEU B 237 -6.06 6.89 7.94
CA LEU B 237 -7.41 6.58 8.37
C LEU B 237 -7.37 5.40 9.34
N PRO B 238 -8.37 5.29 10.22
CA PRO B 238 -8.49 4.10 11.06
C PRO B 238 -8.90 2.90 10.23
N ALA B 239 -8.54 1.72 10.71
CA ALA B 239 -8.95 0.51 10.02
C ALA B 239 -10.45 0.34 10.18
N PRO B 240 -11.19 0.06 9.10
CA PRO B 240 -12.62 -0.26 9.26
C PRO B 240 -12.81 -1.46 10.18
N LYS B 241 -13.99 -1.54 10.80
CA LYS B 241 -14.31 -2.69 11.63
C LYS B 241 -14.04 -3.99 10.88
N ALA B 242 -14.57 -4.10 9.65
CA ALA B 242 -14.16 -5.14 8.71
C ALA B 242 -12.83 -4.69 8.12
N ALA B 243 -11.74 -5.13 8.74
CA ALA B 243 -10.42 -4.56 8.48
C ALA B 243 -9.64 -5.35 7.44
N GLU B 244 -10.27 -6.28 6.73
CA GLU B 244 -9.52 -7.15 5.82
C GLU B 244 -8.76 -6.36 4.75
N LEU B 245 -9.27 -5.21 4.34
CA LEU B 245 -8.61 -4.39 3.33
C LEU B 245 -7.79 -3.25 3.93
N ALA B 246 -7.64 -3.21 5.26
CA ALA B 246 -7.01 -2.06 5.92
C ALA B 246 -5.61 -1.80 5.42
N ASN B 247 -4.80 -2.86 5.31
CA ASN B 247 -3.42 -2.68 4.89
C ASN B 247 -3.35 -2.11 3.48
N LEU B 248 -4.19 -2.64 2.57
CA LEU B 248 -4.23 -2.12 1.21
C LEU B 248 -4.64 -0.65 1.20
N ILE B 249 -5.67 -0.31 1.99
CA ILE B 249 -6.09 1.09 2.08
C ILE B 249 -4.92 1.98 2.44
N ASN B 250 -4.16 1.61 3.47
CA ASN B 250 -3.05 2.46 3.91
C ASN B 250 -1.89 2.44 2.92
N ASN B 251 -1.65 1.29 2.26
CA ASN B 251 -0.64 1.28 1.20
C ASN B 251 -1.02 2.22 0.06
N CYS B 252 -2.32 2.36 -0.23
CA CYS B 252 -2.70 3.25 -1.33
C CYS B 252 -2.64 4.72 -0.92
N MET B 253 -3.08 5.02 0.29
CA MET B 253 -2.99 6.36 0.85
C MET B 253 -1.58 6.60 1.43
N ASP B 254 -0.59 6.53 0.54
CA ASP B 254 0.80 6.81 0.88
C ASP B 254 1.11 8.28 0.60
N TYR B 255 1.65 8.98 1.61
CA TYR B 255 1.90 10.41 1.45
C TYR B 255 2.98 10.70 0.42
N GLU B 256 3.80 9.70 0.06
CA GLU B 256 4.73 9.83 -1.05
C GLU B 256 4.07 9.32 -2.33
N PRO B 257 3.64 10.18 -3.24
CA PRO B 257 2.85 9.71 -4.40
C PRO B 257 3.57 8.67 -5.24
N ASP B 258 4.90 8.79 -5.38
CA ASP B 258 5.69 7.85 -6.17
C ASP B 258 5.75 6.45 -5.57
N HIS B 259 5.43 6.30 -4.31
CA HIS B 259 5.47 4.99 -3.69
C HIS B 259 4.13 4.27 -3.77
N ARG B 260 3.08 4.94 -4.25
CA ARG B 260 1.77 4.33 -4.34
C ARG B 260 1.81 3.22 -5.39
N PRO B 261 1.31 2.03 -5.07
CA PRO B 261 1.51 0.88 -5.96
C PRO B 261 0.68 0.98 -7.22
N SER B 262 1.17 0.33 -8.28
CA SER B 262 0.41 0.30 -9.52
C SER B 262 -0.89 -0.45 -9.31
N PHE B 263 -1.87 -0.18 -10.19
CA PHE B 263 -3.10 -0.95 -10.07
C PHE B 263 -2.90 -2.42 -10.44
N ARG B 264 -1.92 -2.73 -11.30
CA ARG B 264 -1.59 -4.15 -11.49
C ARG B 264 -1.24 -4.81 -10.17
N ALA B 265 -0.41 -4.14 -9.36
CA ALA B 265 -0.01 -4.70 -8.07
C ALA B 265 -1.15 -4.66 -7.06
N ILE B 266 -2.05 -3.69 -7.18
CA ILE B 266 -3.23 -3.68 -6.30
C ILE B 266 -4.11 -4.88 -6.60
N ILE B 267 -4.35 -5.16 -7.89
CA ILE B 267 -5.15 -6.32 -8.28
C ILE B 267 -4.57 -7.61 -7.70
N ARG B 268 -3.26 -7.82 -7.89
CA ARG B 268 -2.65 -9.03 -7.34
C ARG B 268 -2.84 -9.10 -5.83
N ASP B 269 -2.63 -7.99 -5.12
CA ASP B 269 -2.90 -7.98 -3.69
C ASP B 269 -4.32 -8.44 -3.42
N LEU B 270 -5.29 -7.86 -4.13
CA LEU B 270 -6.68 -8.24 -3.93
C LEU B 270 -6.90 -9.72 -4.19
N ASN B 271 -6.34 -10.25 -5.27
CA ASN B 271 -6.49 -11.68 -5.54
C ASN B 271 -5.78 -12.53 -4.49
N SER B 272 -4.81 -11.98 -3.75
CA SER B 272 -4.13 -12.74 -2.72
C SER B 272 -4.96 -12.90 -1.46
N LEU B 273 -6.02 -12.11 -1.30
CA LEU B 273 -6.95 -12.29 -0.18
C LEU B 273 -8.10 -13.21 -0.58
#